data_6TZK
#
_entry.id   6TZK
#
_cell.length_a   87.713
_cell.length_b   73.721
_cell.length_c   85.777
_cell.angle_alpha   90.000
_cell.angle_beta   90.000
_cell.angle_gamma   90.000
#
_symmetry.space_group_name_H-M   'P 21 21 2'
#
loop_
_entity.id
_entity.type
_entity.pdbx_description
1 polymer 'Cellulose synthase operon protein C'
2 non-polymer DODECYL-BETA-D-MALTOSIDE
3 non-polymer HEXANE-1,6-DIOL
4 non-polymer 3,6,9,12,15,18,21,24-OCTAOXAHEXACOSAN-1-OL
5 non-polymer (HYDROXYETHYLOXY)TRI(ETHYLOXY)OCTANE
6 non-polymer 1,2-Distearoyl-sn-glycerophosphoethanolamine
7 non-polymer 'CALCIUM ION'
8 water water
#
_entity_poly.entity_id   1
_entity_poly.type   'polypeptide(L)'
_entity_poly.pdbx_seq_one_letter_code
;FQSSAMVLRDGAKFEAQAGDPTQALETYKDAMVASGVTTTRPQDNDTFTRLTRNDEKDDWLKRGVRSDAADLYRQQDLNV
TLEHDYWGSSGTGGYSDLKAHTTMLQVDAPYSDGRMFFRSDFVNMNVGSFSTNADGKWDDNWGTCTLQDCSGNRSQSDSG
ASVAVGWRNDVWSWDIGTTPMGFNVVDVVGGISYSDDIGPLGYTVNAHRRPISSSLLAFGGQKDSPSNTGKKWGGVRADG
VGLSLSYDKGEANGVWASLSGDQLTGKNVEDNWRVRWMTGYYYKVINQNNRRVTIGLNNMIWHYDKDLSGYSLGQGGYYS
PQEYLSFAIPVMWRERTENWSWELGASGSWSHSRTKTMPRYPLMNLIPTDWQEEAARQSNDGGSSQGFGYTARALLERRV
TSNWFVGTAIDIQQAKDYAPSHFLLYVRYSAAGWQGDMDLPPQPLIPYADW
;
_entity_poly.pdbx_strand_id   A
#
loop_
_chem_comp.id
_chem_comp.type
_chem_comp.name
_chem_comp.formula
3PE non-polymer 1,2-Distearoyl-sn-glycerophosphoethanolamine 'C41 H82 N O8 P'
C8E non-polymer (HYDROXYETHYLOXY)TRI(ETHYLOXY)OCTANE 'C16 H34 O5'
CA non-polymer 'CALCIUM ION' 'Ca 2'
HEZ non-polymer HEXANE-1,6-DIOL 'C6 H14 O2'
LMT D-saccharide DODECYL-BETA-D-MALTOSIDE 'C24 H46 O11'
PE5 non-polymer 3,6,9,12,15,18,21,24-OCTAOXAHEXACOSAN-1-OL 'C18 H38 O9'
#
# COMPACT_ATOMS: atom_id res chain seq x y z
N PHE A 1 32.62 -37.10 7.16
CA PHE A 1 32.90 -35.83 6.48
C PHE A 1 31.77 -35.47 5.51
N GLN A 2 31.69 -34.21 5.12
CA GLN A 2 30.68 -33.76 4.17
C GLN A 2 31.33 -33.37 2.86
N SER A 3 30.53 -33.34 1.80
CA SER A 3 31.04 -33.00 0.48
C SER A 3 31.45 -31.53 0.44
N SER A 4 32.36 -31.22 -0.49
CA SER A 4 32.84 -29.83 -0.60
C SER A 4 31.68 -28.87 -0.82
N ALA A 5 30.72 -29.25 -1.66
CA ALA A 5 29.57 -28.37 -1.90
C ALA A 5 28.83 -28.08 -0.59
N MET A 6 28.55 -29.12 0.19
CA MET A 6 27.84 -28.95 1.45
C MET A 6 28.64 -28.12 2.45
N VAL A 7 29.95 -28.38 2.54
CA VAL A 7 30.81 -27.59 3.42
C VAL A 7 30.72 -26.11 3.07
N LEU A 8 30.79 -25.80 1.77
CA LEU A 8 30.78 -24.39 1.36
C LEU A 8 29.43 -23.75 1.58
N ARG A 9 28.34 -24.45 1.24
CA ARG A 9 27.00 -23.93 1.50
C ARG A 9 26.81 -23.64 2.98
N ASP A 10 27.12 -24.62 3.83
CA ASP A 10 27.04 -24.44 5.27
C ASP A 10 27.92 -23.29 5.74
N GLY A 11 29.15 -23.21 5.21
CA GLY A 11 30.06 -22.15 5.62
C GLY A 11 29.54 -20.77 5.25
N ALA A 12 28.93 -20.64 4.07
CA ALA A 12 28.34 -19.37 3.67
C ALA A 12 27.24 -18.93 4.63
N LYS A 13 26.34 -19.86 5.01
CA LYS A 13 25.29 -19.50 5.96
C LYS A 13 25.88 -19.12 7.31
N PHE A 14 26.90 -19.84 7.76
CA PHE A 14 27.54 -19.52 9.02
C PHE A 14 28.17 -18.12 8.98
N GLU A 15 28.88 -17.80 7.89
CA GLU A 15 29.50 -16.50 7.77
C GLU A 15 28.48 -15.37 7.75
N ALA A 16 27.37 -15.57 7.03
CA ALA A 16 26.33 -14.53 6.99
C ALA A 16 25.71 -14.33 8.36
N GLN A 17 25.39 -15.44 9.05
CA GLN A 17 24.78 -15.31 10.37
C GLN A 17 25.74 -14.71 11.39
N ALA A 18 27.04 -14.89 11.18
CA ALA A 18 28.04 -14.34 12.11
C ALA A 18 28.32 -12.87 11.87
N GLY A 19 27.68 -12.25 10.89
CA GLY A 19 27.90 -10.86 10.60
C GLY A 19 28.91 -10.56 9.52
N ASP A 20 29.27 -11.54 8.68
CA ASP A 20 30.18 -11.32 7.56
C ASP A 20 29.53 -11.75 6.24
N PRO A 21 28.45 -11.09 5.82
CA PRO A 21 27.82 -11.48 4.55
C PRO A 21 28.71 -11.25 3.34
N THR A 22 29.66 -10.31 3.41
CA THR A 22 30.57 -10.12 2.28
C THR A 22 31.40 -11.37 2.04
N GLN A 23 31.94 -11.95 3.11
CA GLN A 23 32.67 -13.21 2.97
C GLN A 23 31.76 -14.34 2.53
N ALA A 24 30.54 -14.36 3.05
CA ALA A 24 29.56 -15.38 2.67
C ALA A 24 29.30 -15.37 1.16
N LEU A 25 29.17 -14.18 0.57
CA LEU A 25 28.95 -14.11 -0.88
C LEU A 25 30.15 -14.64 -1.65
N GLU A 26 31.37 -14.43 -1.14
CA GLU A 26 32.55 -15.03 -1.77
C GLU A 26 32.50 -16.54 -1.67
N THR A 27 32.07 -17.07 -0.52
CA THR A 27 31.92 -18.51 -0.35
C THR A 27 30.84 -19.09 -1.27
N TYR A 28 29.78 -18.32 -1.56
CA TYR A 28 28.78 -18.81 -2.51
C TYR A 28 29.34 -18.93 -3.91
N LYS A 29 30.27 -18.05 -4.28
CA LYS A 29 30.96 -18.19 -5.55
C LYS A 29 31.69 -19.54 -5.61
N ASP A 30 32.38 -19.91 -4.53
CA ASP A 30 33.01 -21.22 -4.47
C ASP A 30 31.98 -22.33 -4.50
N ALA A 31 30.85 -22.13 -3.82
CA ALA A 31 29.81 -23.16 -3.80
C ALA A 31 29.23 -23.42 -5.18
N MET A 32 29.16 -22.39 -6.03
CA MET A 32 28.67 -22.58 -7.39
C MET A 32 29.55 -23.53 -8.19
N VAL A 33 30.87 -23.44 -8.00
CA VAL A 33 31.78 -24.36 -8.67
C VAL A 33 31.61 -25.77 -8.12
N ALA A 34 31.66 -25.92 -6.80
CA ALA A 34 31.61 -27.24 -6.19
C ALA A 34 30.28 -27.93 -6.43
N SER A 35 29.21 -27.16 -6.59
CA SER A 35 27.88 -27.69 -6.85
C SER A 35 27.62 -28.01 -8.30
N GLY A 36 28.50 -27.60 -9.22
CA GLY A 36 28.28 -27.81 -10.63
C GLY A 36 27.44 -26.75 -11.32
N VAL A 37 27.14 -25.64 -10.65
CA VAL A 37 26.44 -24.54 -11.33
C VAL A 37 27.31 -23.97 -12.44
N THR A 38 28.63 -23.94 -12.23
CA THR A 38 29.56 -23.44 -13.23
C THR A 38 30.90 -24.14 -13.02
N THR A 39 31.72 -24.18 -14.06
CA THR A 39 33.03 -24.79 -13.95
C THR A 39 34.12 -23.80 -13.55
N THR A 40 33.86 -22.50 -13.63
CA THR A 40 34.86 -21.49 -13.31
C THR A 40 34.27 -20.52 -12.29
N ARG A 41 35.09 -20.15 -11.31
CA ARG A 41 34.64 -19.27 -10.25
C ARG A 41 34.26 -17.91 -10.81
N PRO A 42 33.07 -17.39 -10.51
CA PRO A 42 32.71 -16.05 -11.00
C PRO A 42 33.61 -14.99 -10.39
N GLN A 43 34.08 -14.06 -11.22
CA GLN A 43 34.99 -13.01 -10.73
C GLN A 43 34.42 -11.61 -10.90
N ASP A 44 33.15 -11.48 -11.28
CA ASP A 44 32.47 -10.19 -11.33
C ASP A 44 31.04 -10.43 -10.88
N ASN A 45 30.42 -9.36 -10.37
CA ASN A 45 29.08 -9.54 -9.81
C ASN A 45 28.05 -9.83 -10.89
N ASP A 46 28.22 -9.30 -12.10
CA ASP A 46 27.28 -9.63 -13.17
C ASP A 46 27.33 -11.10 -13.53
N THR A 47 28.54 -11.67 -13.61
CA THR A 47 28.65 -13.11 -13.86
C THR A 47 28.02 -13.91 -12.74
N PHE A 48 28.31 -13.52 -11.49
CA PHE A 48 27.78 -14.20 -10.31
C PHE A 48 26.26 -14.16 -10.27
N THR A 49 25.66 -12.97 -10.42
CA THR A 49 24.21 -12.89 -10.30
C THR A 49 23.52 -13.53 -11.51
N ARG A 50 24.12 -13.47 -12.70
CA ARG A 50 23.55 -14.17 -13.83
C ARG A 50 23.46 -15.67 -13.57
N LEU A 51 24.45 -16.23 -12.87
CA LEU A 51 24.40 -17.65 -12.54
C LEU A 51 23.33 -17.99 -11.50
N THR A 52 22.70 -17.01 -10.85
CA THR A 52 21.63 -17.34 -9.91
C THR A 52 20.27 -17.48 -10.59
N ARG A 53 20.15 -17.13 -11.87
CA ARG A 53 18.88 -17.28 -12.58
C ARG A 53 18.39 -18.71 -12.47
N ASN A 54 17.12 -18.86 -12.12
CA ASN A 54 16.57 -20.20 -11.93
C ASN A 54 16.66 -21.01 -13.21
N ASP A 55 16.86 -22.32 -13.05
CA ASP A 55 16.94 -23.25 -14.17
C ASP A 55 16.08 -24.46 -13.82
N GLU A 56 15.05 -24.72 -14.62
CA GLU A 56 14.11 -25.79 -14.29
C GLU A 56 14.74 -27.17 -14.36
N LYS A 57 15.87 -27.34 -15.06
CA LYS A 57 16.55 -28.63 -15.05
C LYS A 57 17.37 -28.86 -13.78
N ASP A 58 17.42 -27.87 -12.87
CA ASP A 58 18.21 -28.00 -11.66
C ASP A 58 17.70 -29.13 -10.78
N ASP A 59 18.63 -29.86 -10.18
CA ASP A 59 18.32 -30.71 -9.04
C ASP A 59 18.28 -29.83 -7.79
N TRP A 60 17.97 -30.46 -6.64
CA TRP A 60 17.69 -29.66 -5.44
C TRP A 60 18.95 -28.93 -4.93
N LEU A 61 20.13 -29.52 -5.10
CA LEU A 61 21.36 -28.86 -4.64
C LEU A 61 21.65 -27.60 -5.47
N LYS A 62 21.63 -27.74 -6.79
CA LYS A 62 21.92 -26.58 -7.63
C LYS A 62 20.84 -25.51 -7.48
N ARG A 63 19.58 -25.93 -7.36
CA ARG A 63 18.47 -24.99 -7.21
C ARG A 63 18.61 -24.18 -5.93
N GLY A 64 19.06 -24.83 -4.85
CA GLY A 64 19.20 -24.13 -3.59
C GLY A 64 20.42 -23.22 -3.53
N VAL A 65 21.54 -23.66 -4.11
CA VAL A 65 22.72 -22.79 -4.17
C VAL A 65 22.37 -21.50 -4.90
N ARG A 66 21.70 -21.61 -6.05
CA ARG A 66 21.33 -20.41 -6.82
C ARG A 66 20.43 -19.49 -6.00
N SER A 67 19.40 -20.08 -5.37
CA SER A 67 18.40 -19.28 -4.67
C SER A 67 18.98 -18.65 -3.40
N ASP A 68 19.80 -19.41 -2.67
CA ASP A 68 20.43 -18.87 -1.46
C ASP A 68 21.39 -17.74 -1.80
N ALA A 69 22.21 -17.91 -2.84
CA ALA A 69 23.11 -16.84 -3.27
C ALA A 69 22.33 -15.61 -3.70
N ALA A 70 21.24 -15.81 -4.46
CA ALA A 70 20.45 -14.68 -4.92
C ALA A 70 19.80 -13.94 -3.75
N ASP A 71 19.23 -14.67 -2.80
CA ASP A 71 18.58 -14.03 -1.66
C ASP A 71 19.58 -13.18 -0.86
N LEU A 72 20.79 -13.73 -0.61
CA LEU A 72 21.76 -12.96 0.16
C LEU A 72 22.24 -11.74 -0.61
N TYR A 73 22.52 -11.91 -1.91
CA TYR A 73 22.97 -10.80 -2.72
C TYR A 73 21.93 -9.67 -2.73
N ARG A 74 20.67 -10.02 -2.98
CA ARG A 74 19.63 -8.99 -2.96
C ARG A 74 19.53 -8.33 -1.60
N GLN A 75 19.65 -9.11 -0.54
CA GLN A 75 19.52 -8.55 0.81
C GLN A 75 20.66 -7.58 1.11
N GLN A 76 21.83 -7.81 0.51
CA GLN A 76 23.01 -6.99 0.77
C GLN A 76 23.12 -5.75 -0.12
N ASP A 77 22.32 -5.66 -1.18
CA ASP A 77 22.50 -4.59 -2.18
C ASP A 77 21.88 -3.28 -1.69
N LEU A 78 22.53 -2.17 -2.02
CA LEU A 78 22.00 -0.84 -1.79
C LEU A 78 21.15 -0.44 -3.00
N ASN A 79 19.89 -0.03 -2.77
CA ASN A 79 18.99 0.43 -3.81
C ASN A 79 18.55 1.86 -3.53
N VAL A 80 18.34 2.63 -4.58
CA VAL A 80 17.71 3.95 -4.50
C VAL A 80 16.60 3.99 -5.54
N THR A 81 15.40 4.41 -5.12
CA THR A 81 14.23 4.38 -6.00
C THR A 81 13.56 5.75 -5.97
N LEU A 82 13.23 6.26 -7.15
CA LEU A 82 12.48 7.50 -7.29
C LEU A 82 11.19 7.18 -8.03
N GLU A 83 10.05 7.59 -7.48
CA GLU A 83 8.78 7.23 -8.08
C GLU A 83 7.82 8.41 -8.07
N HIS A 84 7.02 8.54 -9.12
CA HIS A 84 5.93 9.52 -9.14
C HIS A 84 4.60 8.82 -9.35
N ASP A 85 3.62 9.18 -8.54
CA ASP A 85 2.27 8.60 -8.58
C ASP A 85 1.27 9.72 -8.80
N TYR A 86 0.51 9.62 -9.89
CA TYR A 86 -0.60 10.51 -10.16
C TYR A 86 -1.88 9.76 -9.84
N TRP A 87 -2.70 10.30 -8.95
CA TRP A 87 -3.82 9.53 -8.43
C TRP A 87 -5.00 10.45 -8.14
N GLY A 88 -6.16 9.84 -7.95
CA GLY A 88 -7.33 10.62 -7.55
C GLY A 88 -8.61 9.97 -8.00
N SER A 89 -9.66 10.79 -8.04
CA SER A 89 -11.02 10.28 -8.18
C SER A 89 -11.96 11.44 -8.45
N SER A 90 -13.03 11.15 -9.18
CA SER A 90 -13.98 12.19 -9.58
C SER A 90 -14.83 12.63 -8.39
N GLY A 91 -15.22 13.91 -8.40
CA GLY A 91 -16.04 14.40 -7.31
C GLY A 91 -16.45 15.85 -7.46
N THR A 92 -16.67 16.54 -6.34
CA THR A 92 -17.23 17.89 -6.35
C THR A 92 -16.15 18.92 -6.06
N GLY A 93 -16.10 19.97 -6.88
CA GLY A 93 -15.12 21.02 -6.69
C GLY A 93 -15.15 21.62 -5.30
N GLY A 94 -13.97 21.76 -4.69
CA GLY A 94 -13.86 22.29 -3.34
C GLY A 94 -13.54 21.24 -2.30
N TYR A 95 -13.84 19.97 -2.54
CA TYR A 95 -13.51 18.98 -1.52
C TYR A 95 -13.28 17.58 -2.04
N SER A 96 -13.88 17.19 -3.17
CA SER A 96 -13.68 15.81 -3.62
C SER A 96 -13.40 15.65 -5.10
N ASP A 97 -13.13 16.72 -5.85
CA ASP A 97 -12.68 16.61 -7.24
C ASP A 97 -11.16 16.43 -7.21
N LEU A 98 -10.73 15.22 -6.86
CA LEU A 98 -9.37 14.99 -6.37
C LEU A 98 -8.41 14.66 -7.51
N LYS A 99 -7.38 15.50 -7.66
CA LYS A 99 -6.23 15.19 -8.51
C LYS A 99 -5.00 15.38 -7.64
N ALA A 100 -4.19 14.32 -7.53
CA ALA A 100 -3.15 14.29 -6.53
C ALA A 100 -1.86 13.77 -7.15
N HIS A 101 -0.75 14.22 -6.60
CA HIS A 101 0.58 13.78 -7.05
C HIS A 101 1.39 13.44 -5.81
N THR A 102 2.02 12.27 -5.82
CA THR A 102 2.95 11.89 -4.77
C THR A 102 4.28 11.56 -5.42
N THR A 103 5.35 12.19 -4.94
CA THR A 103 6.71 11.86 -5.36
C THR A 103 7.43 11.23 -4.17
N MET A 104 8.13 10.13 -4.44
CA MET A 104 8.63 9.24 -3.39
C MET A 104 10.10 9.02 -3.67
N LEU A 105 10.94 9.16 -2.65
CA LEU A 105 12.34 8.81 -2.78
C LEU A 105 12.66 7.81 -1.66
N GLN A 106 13.25 6.68 -2.00
CA GLN A 106 13.51 5.67 -0.98
C GLN A 106 14.89 5.06 -1.17
N VAL A 107 15.60 4.89 -0.06
CA VAL A 107 16.89 4.20 -0.03
C VAL A 107 16.70 2.96 0.81
N ASP A 108 17.12 1.80 0.27
CA ASP A 108 17.05 0.51 0.96
C ASP A 108 18.46 -0.03 1.13
N ALA A 109 18.74 -0.63 2.28
CA ALA A 109 20.10 -1.10 2.57
C ALA A 109 20.03 -2.26 3.54
N PRO A 110 21.04 -3.12 3.58
CA PRO A 110 21.01 -4.24 4.52
C PRO A 110 21.15 -3.76 5.95
N TYR A 111 20.58 -4.52 6.88
CA TYR A 111 20.90 -4.37 8.29
C TYR A 111 20.56 -5.70 8.95
N SER A 112 21.53 -6.30 9.62
CA SER A 112 21.41 -7.66 10.15
C SER A 112 21.00 -8.55 8.99
N ASP A 113 20.01 -9.44 9.13
CA ASP A 113 19.55 -10.27 8.03
C ASP A 113 18.34 -9.68 7.32
N GLY A 114 18.03 -8.41 7.53
CA GLY A 114 16.90 -7.79 6.88
C GLY A 114 17.28 -6.56 6.08
N ARG A 115 16.32 -5.68 5.82
CA ARG A 115 16.59 -4.47 5.08
C ARG A 115 15.97 -3.27 5.76
N MET A 116 16.77 -2.23 5.93
CA MET A 116 16.29 -0.95 6.42
C MET A 116 15.88 -0.08 5.23
N PHE A 117 14.92 0.80 5.45
CA PHE A 117 14.54 1.75 4.42
C PHE A 117 14.46 3.15 5.02
N PHE A 118 14.67 4.14 4.17
CA PHE A 118 14.53 5.55 4.51
C PHE A 118 13.75 6.19 3.39
N ARG A 119 12.65 6.86 3.72
CA ARG A 119 11.66 7.26 2.72
C ARG A 119 11.24 8.71 2.91
N SER A 120 11.09 9.44 1.81
CA SER A 120 10.37 10.71 1.82
C SER A 120 9.27 10.65 0.77
N ASP A 121 8.08 11.16 1.12
CA ASP A 121 6.94 11.32 0.21
C ASP A 121 6.64 12.82 0.13
N PHE A 122 6.51 13.36 -1.07
CA PHE A 122 6.02 14.72 -1.26
CA PHE A 122 6.01 14.72 -1.24
C PHE A 122 4.64 14.63 -1.91
N VAL A 123 3.62 15.17 -1.24
CA VAL A 123 2.23 15.00 -1.64
C VAL A 123 1.64 16.36 -1.99
N ASN A 124 0.98 16.44 -3.15
CA ASN A 124 0.19 17.60 -3.52
C ASN A 124 -1.22 17.10 -3.81
N MET A 125 -2.23 17.69 -3.16
CA MET A 125 -3.63 17.32 -3.41
C MET A 125 -4.39 18.55 -3.83
N ASN A 126 -5.04 18.48 -5.00
CA ASN A 126 -5.88 19.55 -5.53
C ASN A 126 -7.31 19.03 -5.57
N VAL A 127 -8.24 19.71 -4.93
CA VAL A 127 -9.62 19.24 -4.95
C VAL A 127 -10.54 20.23 -5.65
N GLY A 128 -9.98 21.16 -6.42
CA GLY A 128 -10.78 22.07 -7.23
C GLY A 128 -11.35 23.23 -6.43
N SER A 129 -12.30 23.95 -7.06
CA SER A 129 -12.91 25.13 -6.47
C SER A 129 -14.41 24.92 -6.28
N PHE A 130 -14.93 25.51 -5.21
CA PHE A 130 -16.36 25.49 -4.99
C PHE A 130 -17.09 26.23 -6.11
N SER A 131 -18.21 25.66 -6.54
CA SER A 131 -19.13 26.37 -7.42
C SER A 131 -19.85 27.45 -6.62
N THR A 132 -19.96 28.64 -7.21
CA THR A 132 -20.53 29.78 -6.50
C THR A 132 -21.82 30.23 -7.16
N ASN A 133 -22.65 30.88 -6.36
CA ASN A 133 -23.86 31.52 -6.85
C ASN A 133 -23.52 32.91 -7.39
N ALA A 134 -24.54 33.71 -7.70
CA ALA A 134 -24.31 35.07 -8.18
C ALA A 134 -23.58 35.90 -7.14
N ASP A 135 -23.96 35.75 -5.87
CA ASP A 135 -23.30 36.47 -4.78
C ASP A 135 -21.83 36.11 -4.65
N GLY A 136 -21.37 35.03 -5.28
CA GLY A 136 -20.03 34.53 -5.06
C GLY A 136 -19.90 33.62 -3.87
N LYS A 137 -21.01 33.10 -3.35
CA LYS A 137 -21.03 32.25 -2.17
C LYS A 137 -21.45 30.83 -2.55
N TRP A 138 -21.26 29.90 -1.61
CA TRP A 138 -21.68 28.53 -1.84
C TRP A 138 -22.31 27.95 -0.57
N ASP A 139 -23.10 26.89 -0.77
CA ASP A 139 -23.85 26.28 0.32
C ASP A 139 -23.72 24.76 0.33
N ASP A 140 -22.57 24.25 -0.15
CA ASP A 140 -22.33 22.82 -0.21
C ASP A 140 -22.41 22.17 1.16
N ASN A 141 -22.67 20.86 1.15
CA ASN A 141 -22.63 20.03 2.35
C ASN A 141 -21.16 19.80 2.72
N TRP A 142 -20.53 20.88 3.19
CA TRP A 142 -19.10 20.93 3.48
C TRP A 142 -18.89 22.03 4.52
N GLY A 143 -17.96 21.81 5.45
CA GLY A 143 -17.73 22.81 6.48
C GLY A 143 -19.03 23.11 7.21
N THR A 144 -19.34 24.39 7.38
CA THR A 144 -20.63 24.79 7.92
C THR A 144 -21.43 25.57 6.89
N CYS A 145 -21.18 25.29 5.61
CA CYS A 145 -21.80 26.07 4.54
C CYS A 145 -23.29 25.81 4.39
N THR A 146 -23.83 24.72 4.97
CA THR A 146 -25.29 24.60 5.01
C THR A 146 -25.93 25.37 6.17
N LEU A 147 -25.12 25.96 7.06
CA LEU A 147 -25.65 26.79 8.14
C LEU A 147 -25.57 28.28 7.84
N GLN A 148 -24.67 28.68 6.95
CA GLN A 148 -24.55 30.05 6.48
C GLN A 148 -23.70 30.02 5.22
N ASP A 149 -24.15 30.69 4.17
CA ASP A 149 -23.43 30.67 2.90
C ASP A 149 -21.98 31.11 3.10
N CYS A 150 -21.07 30.38 2.47
CA CYS A 150 -19.63 30.51 2.67
C CYS A 150 -18.99 31.38 1.60
N SER A 151 -17.88 32.03 1.97
CA SER A 151 -17.06 32.77 1.02
C SER A 151 -15.64 32.84 1.57
N GLY A 152 -14.68 33.05 0.66
CA GLY A 152 -13.33 33.38 1.09
C GLY A 152 -12.22 32.40 0.73
N ASN A 153 -12.52 31.11 0.77
CA ASN A 153 -11.48 30.12 0.50
C ASN A 153 -11.88 29.25 -0.70
N ARG A 154 -12.14 29.88 -1.85
CA ARG A 154 -12.88 29.19 -2.91
C ARG A 154 -12.09 28.02 -3.49
N SER A 155 -10.77 28.19 -3.67
CA SER A 155 -9.96 27.16 -4.28
C SER A 155 -9.25 26.36 -3.19
N GLN A 156 -9.30 25.04 -3.30
CA GLN A 156 -8.85 24.17 -2.22
C GLN A 156 -7.75 23.23 -2.73
N SER A 157 -6.61 23.25 -2.05
CA SER A 157 -5.48 22.38 -2.37
C SER A 157 -4.50 22.49 -1.23
N ASP A 158 -3.62 21.49 -1.13
CA ASP A 158 -2.63 21.50 -0.06
C ASP A 158 -1.45 20.64 -0.48
N SER A 159 -0.34 20.82 0.22
CA SER A 159 0.86 20.08 -0.12
C SER A 159 1.72 19.88 1.12
N GLY A 160 2.52 18.82 1.12
CA GLY A 160 3.35 18.57 2.29
C GLY A 160 4.32 17.44 2.03
N ALA A 161 5.27 17.30 2.94
CA ALA A 161 6.29 16.25 2.83
C ALA A 161 6.27 15.39 4.08
N SER A 162 6.32 14.09 3.90
CA SER A 162 6.43 13.19 5.03
C SER A 162 7.74 12.41 4.91
N VAL A 163 8.15 11.80 6.02
CA VAL A 163 9.35 10.97 6.09
C VAL A 163 9.01 9.71 6.87
N ALA A 164 9.80 8.66 6.63
CA ALA A 164 9.57 7.40 7.32
C ALA A 164 10.87 6.62 7.32
N VAL A 165 11.04 5.78 8.33
CA VAL A 165 12.19 4.88 8.44
CA VAL A 165 12.18 4.89 8.44
C VAL A 165 11.66 3.56 8.99
N GLY A 166 12.34 2.47 8.62
CA GLY A 166 11.88 1.20 9.14
C GLY A 166 12.79 0.07 8.70
N TRP A 167 12.36 -1.15 9.01
CA TRP A 167 13.20 -2.32 8.79
C TRP A 167 12.30 -3.55 8.73
N ARG A 168 12.71 -4.54 7.95
CA ARG A 168 11.98 -5.79 7.96
C ARG A 168 12.88 -6.95 7.58
N ASN A 169 12.58 -8.11 8.15
CA ASN A 169 13.16 -9.37 7.67
C ASN A 169 11.98 -10.30 7.46
N ASP A 170 12.24 -11.61 7.38
CA ASP A 170 11.17 -12.56 7.15
C ASP A 170 10.27 -12.75 8.37
N VAL A 171 10.72 -12.36 9.55
CA VAL A 171 9.97 -12.61 10.78
C VAL A 171 9.20 -11.37 11.22
N TRP A 172 9.82 -10.20 11.17
CA TRP A 172 9.13 -9.04 11.71
C TRP A 172 9.51 -7.79 10.95
N SER A 173 8.73 -6.74 11.22
CA SER A 173 8.87 -5.50 10.49
C SER A 173 8.40 -4.37 11.39
N TRP A 174 8.97 -3.18 11.16
CA TRP A 174 8.48 -2.00 11.85
C TRP A 174 8.73 -0.81 10.96
N ASP A 175 7.94 0.23 11.17
CA ASP A 175 8.26 1.53 10.58
C ASP A 175 7.70 2.60 11.48
N ILE A 176 8.31 3.78 11.42
CA ILE A 176 7.77 4.95 12.08
C ILE A 176 7.95 6.12 11.13
N GLY A 177 6.99 7.04 11.13
CA GLY A 177 7.07 8.13 10.19
C GLY A 177 6.04 9.17 10.49
N THR A 178 5.81 10.05 9.52
CA THR A 178 4.87 11.15 9.67
C THR A 178 3.87 11.13 8.53
N THR A 179 2.80 11.91 8.71
CA THR A 179 1.97 12.33 7.61
C THR A 179 2.52 13.65 7.08
N PRO A 180 2.08 14.11 5.91
CA PRO A 180 2.80 15.23 5.27
C PRO A 180 2.79 16.50 6.12
N MET A 181 3.98 17.03 6.36
CA MET A 181 4.14 18.30 7.06
C MET A 181 3.87 19.39 6.04
N GLY A 182 2.99 20.31 6.39
CA GLY A 182 2.41 21.24 5.42
C GLY A 182 0.92 21.08 5.29
N PHE A 183 0.38 19.93 5.63
CA PHE A 183 -1.06 19.75 5.74
C PHE A 183 -1.57 20.42 7.03
N ASN A 184 -2.90 20.53 7.14
CA ASN A 184 -3.48 21.16 8.32
C ASN A 184 -3.31 20.31 9.58
N VAL A 185 -3.37 18.99 9.44
CA VAL A 185 -3.29 18.07 10.57
C VAL A 185 -2.13 17.11 10.32
N VAL A 186 -1.15 17.09 11.21
CA VAL A 186 0.09 16.34 11.02
C VAL A 186 0.28 15.39 12.19
N ASP A 187 0.60 14.13 11.90
CA ASP A 187 0.65 13.09 12.92
C ASP A 187 1.88 12.20 12.72
N VAL A 188 2.28 11.53 13.79
CA VAL A 188 3.25 10.45 13.66
CA VAL A 188 3.25 10.44 13.73
C VAL A 188 2.48 9.14 13.47
N VAL A 189 2.97 8.32 12.52
CA VAL A 189 2.30 7.09 12.11
C VAL A 189 3.34 5.97 12.12
N GLY A 190 2.88 4.75 11.87
CA GLY A 190 3.81 3.63 11.82
C GLY A 190 3.14 2.30 12.06
N GLY A 191 3.96 1.26 12.19
CA GLY A 191 3.42 -0.07 12.34
C GLY A 191 4.47 -1.05 12.79
N ILE A 192 3.99 -2.19 13.28
CA ILE A 192 4.87 -3.31 13.62
C ILE A 192 4.13 -4.59 13.32
N SER A 193 4.85 -5.61 12.86
CA SER A 193 4.23 -6.87 12.51
C SER A 193 5.15 -8.03 12.86
N TYR A 194 4.54 -9.18 13.13
CA TYR A 194 5.26 -10.40 13.48
C TYR A 194 4.61 -11.55 12.72
N SER A 195 5.43 -12.40 12.09
CA SER A 195 4.93 -13.52 11.31
C SER A 195 5.55 -14.82 11.79
N ASP A 196 4.76 -15.89 11.77
CA ASP A 196 5.28 -17.20 12.14
C ASP A 196 4.43 -18.26 11.46
N ASP A 197 4.89 -19.51 11.57
CA ASP A 197 4.23 -20.64 10.92
C ASP A 197 4.01 -21.71 11.98
N ILE A 198 2.80 -21.74 12.56
CA ILE A 198 2.49 -22.75 13.57
C ILE A 198 2.00 -24.01 12.87
N GLY A 199 2.89 -24.64 12.11
CA GLY A 199 2.55 -25.84 11.38
C GLY A 199 2.30 -25.57 9.92
N PRO A 200 1.14 -26.00 9.42
CA PRO A 200 0.86 -25.85 7.98
C PRO A 200 0.39 -24.45 7.60
N LEU A 201 -0.12 -23.67 8.54
CA LEU A 201 -0.65 -22.36 8.22
C LEU A 201 0.28 -21.27 8.75
N GLY A 202 0.41 -20.21 7.97
CA GLY A 202 1.15 -19.06 8.42
C GLY A 202 0.23 -18.05 9.07
N TYR A 203 0.82 -17.15 9.86
CA TYR A 203 0.03 -16.06 10.37
C TYR A 203 0.91 -14.83 10.52
N THR A 204 0.27 -13.66 10.44
CA THR A 204 0.90 -12.38 10.69
C THR A 204 -0.01 -11.57 11.60
N VAL A 205 0.53 -11.05 12.68
CA VAL A 205 -0.18 -10.12 13.55
C VAL A 205 0.49 -8.76 13.39
N ASN A 206 -0.32 -7.71 13.42
CA ASN A 206 0.27 -6.39 13.28
C ASN A 206 -0.53 -5.38 14.07
N ALA A 207 0.13 -4.28 14.41
CA ALA A 207 -0.48 -3.11 15.00
C ALA A 207 -0.02 -1.92 14.18
N HIS A 208 -0.89 -0.94 13.98
CA HIS A 208 -0.55 0.15 13.08
C HIS A 208 -1.33 1.41 13.44
N ARG A 209 -0.78 2.54 13.01
CA ARG A 209 -1.51 3.80 12.95
C ARG A 209 -1.26 4.37 11.55
N ARG A 210 -2.31 4.54 10.76
CA ARG A 210 -2.16 4.98 9.37
C ARG A 210 -3.17 6.08 9.04
N PRO A 211 -2.82 6.98 8.12
CA PRO A 211 -3.81 7.97 7.67
C PRO A 211 -4.78 7.34 6.69
N ILE A 212 -5.93 7.99 6.55
CA ILE A 212 -6.86 7.71 5.46
C ILE A 212 -6.60 8.72 4.36
N SER A 213 -6.17 8.25 3.19
CA SER A 213 -5.66 9.17 2.18
C SER A 213 -6.69 9.46 1.09
N SER A 214 -7.92 8.95 1.20
CA SER A 214 -8.83 8.99 0.06
C SER A 214 -9.42 10.36 -0.23
N SER A 215 -9.32 11.32 0.68
CA SER A 215 -9.74 12.69 0.40
C SER A 215 -8.78 13.64 1.11
N LEU A 216 -8.76 14.90 0.67
CA LEU A 216 -7.95 15.90 1.35
C LEU A 216 -8.39 16.04 2.81
N LEU A 217 -9.70 16.12 3.05
CA LEU A 217 -10.20 16.26 4.41
C LEU A 217 -9.70 15.14 5.31
N ALA A 218 -9.83 13.90 4.84
CA ALA A 218 -9.43 12.77 5.67
C ALA A 218 -7.92 12.72 5.84
N PHE A 219 -7.17 13.03 4.77
CA PHE A 219 -5.71 12.89 4.82
C PHE A 219 -5.08 14.05 5.59
N GLY A 220 -5.27 15.28 5.13
CA GLY A 220 -4.58 16.42 5.75
C GLY A 220 -5.47 17.36 6.52
N GLY A 221 -6.77 17.28 6.29
CA GLY A 221 -7.72 18.18 6.92
C GLY A 221 -7.94 19.43 6.08
N GLN A 222 -9.05 20.10 6.35
CA GLN A 222 -9.33 21.39 5.73
C GLN A 222 -9.69 22.40 6.81
N LYS A 223 -9.84 23.66 6.39
CA LYS A 223 -10.33 24.72 7.27
C LYS A 223 -11.67 25.22 6.76
N ASP A 224 -12.65 25.28 7.66
CA ASP A 224 -13.93 25.90 7.35
C ASP A 224 -13.70 27.31 6.82
N SER A 225 -14.65 27.80 6.03
CA SER A 225 -14.46 29.10 5.39
C SER A 225 -14.29 30.20 6.45
N PRO A 226 -13.45 31.20 6.18
CA PRO A 226 -13.28 32.30 7.14
C PRO A 226 -14.53 33.13 7.35
N SER A 227 -15.47 33.12 6.40
CA SER A 227 -16.77 33.72 6.63
C SER A 227 -17.53 33.02 7.76
N ASN A 228 -17.20 31.75 8.05
CA ASN A 228 -17.95 30.95 9.00
C ASN A 228 -17.15 30.71 10.28
N THR A 229 -16.81 29.44 10.59
CA THR A 229 -16.06 29.19 11.82
C THR A 229 -14.55 29.30 11.65
N GLY A 230 -14.03 29.07 10.45
CA GLY A 230 -12.60 29.00 10.25
C GLY A 230 -11.88 27.84 10.92
N LYS A 231 -12.61 26.89 11.50
CA LYS A 231 -11.98 25.82 12.27
C LYS A 231 -11.34 24.77 11.36
N LYS A 232 -10.18 24.27 11.79
CA LYS A 232 -9.54 23.13 11.15
C LYS A 232 -10.23 21.84 11.58
N TRP A 233 -10.37 20.90 10.65
CA TRP A 233 -10.83 19.58 11.03
C TRP A 233 -10.41 18.58 9.97
N GLY A 234 -10.39 17.30 10.37
CA GLY A 234 -10.00 16.23 9.48
C GLY A 234 -8.77 15.51 10.00
N GLY A 235 -7.99 14.96 9.07
CA GLY A 235 -6.78 14.25 9.44
C GLY A 235 -7.10 12.98 10.21
N VAL A 236 -7.90 12.13 9.60
CA VAL A 236 -8.38 10.92 10.24
C VAL A 236 -7.29 9.88 10.20
N ARG A 237 -7.12 9.17 11.31
CA ARG A 237 -6.10 8.15 11.44
C ARG A 237 -6.74 6.86 11.93
N ALA A 238 -6.30 5.74 11.39
CA ALA A 238 -6.76 4.43 11.82
C ALA A 238 -5.70 3.84 12.75
N ASP A 239 -6.07 3.63 14.02
CA ASP A 239 -5.23 2.96 15.02
C ASP A 239 -5.85 1.59 15.25
N GLY A 240 -5.13 0.52 14.89
CA GLY A 240 -5.77 -0.76 15.06
C GLY A 240 -4.80 -1.91 14.94
N VAL A 241 -5.38 -3.11 14.91
CA VAL A 241 -4.64 -4.36 14.95
C VAL A 241 -5.25 -5.28 13.90
N GLY A 242 -4.46 -6.25 13.47
CA GLY A 242 -4.95 -7.21 12.50
C GLY A 242 -4.28 -8.56 12.66
N LEU A 243 -5.00 -9.60 12.25
CA LEU A 243 -4.49 -10.96 12.20
C LEU A 243 -4.80 -11.51 10.82
N SER A 244 -3.78 -12.04 10.15
CA SER A 244 -3.95 -12.74 8.87
C SER A 244 -3.50 -14.18 9.03
N LEU A 245 -4.26 -15.08 8.43
CA LEU A 245 -3.92 -16.50 8.40
C LEU A 245 -3.84 -16.95 6.95
N SER A 246 -2.91 -17.87 6.70
CA SER A 246 -2.70 -18.41 5.36
C SER A 246 -2.43 -19.90 5.49
N TYR A 247 -3.30 -20.72 4.93
CA TYR A 247 -3.09 -22.15 4.85
C TYR A 247 -2.78 -22.52 3.40
N ASP A 248 -1.62 -22.03 2.94
CA ASP A 248 -1.15 -22.36 1.61
C ASP A 248 -0.71 -23.82 1.60
N LYS A 249 -1.55 -24.68 1.04
CA LYS A 249 -1.20 -26.08 0.88
C LYS A 249 0.00 -26.29 -0.06
N GLY A 250 0.66 -25.22 -0.49
CA GLY A 250 1.64 -25.31 -1.56
C GLY A 250 0.91 -25.60 -2.87
N GLU A 251 1.66 -26.14 -3.83
CA GLU A 251 1.11 -26.77 -5.04
C GLU A 251 0.21 -25.76 -5.75
N ALA A 252 -1.03 -26.12 -6.10
CA ALA A 252 -1.86 -25.30 -6.97
C ALA A 252 -2.92 -24.47 -6.24
N ASN A 253 -3.20 -24.76 -4.97
CA ASN A 253 -4.26 -24.11 -4.22
C ASN A 253 -3.68 -23.25 -3.11
N GLY A 254 -4.55 -22.38 -2.58
CA GLY A 254 -4.23 -21.61 -1.40
C GLY A 254 -5.46 -20.89 -0.86
N VAL A 255 -5.52 -20.69 0.46
CA VAL A 255 -6.61 -19.95 1.10
C VAL A 255 -6.04 -19.02 2.16
N TRP A 256 -6.75 -17.93 2.41
CA TRP A 256 -6.29 -16.96 3.41
C TRP A 256 -7.48 -16.23 3.99
N ALA A 257 -7.28 -15.71 5.21
CA ALA A 257 -8.28 -14.91 5.90
C ALA A 257 -7.59 -13.78 6.65
N SER A 258 -8.35 -12.72 6.92
CA SER A 258 -7.81 -11.58 7.67
C SER A 258 -8.94 -10.96 8.47
N LEU A 259 -8.67 -10.67 9.73
CA LEU A 259 -9.60 -9.94 10.59
C LEU A 259 -8.85 -8.76 11.19
N SER A 260 -9.44 -7.58 11.08
CA SER A 260 -8.79 -6.39 11.62
C SER A 260 -9.84 -5.44 12.18
N GLY A 261 -9.39 -4.56 13.04
CA GLY A 261 -10.28 -3.58 13.63
C GLY A 261 -9.46 -2.35 13.96
N ASP A 262 -10.09 -1.18 13.83
CA ASP A 262 -9.42 0.09 14.03
C ASP A 262 -10.32 1.05 14.77
N GLN A 263 -9.70 1.89 15.62
CA GLN A 263 -10.30 3.15 16.00
C GLN A 263 -9.97 4.19 14.94
N LEU A 264 -10.94 5.04 14.63
CA LEU A 264 -10.80 6.06 13.59
C LEU A 264 -10.99 7.41 14.25
N THR A 265 -9.92 8.19 14.33
CA THR A 265 -9.97 9.45 15.07
C THR A 265 -9.32 10.56 14.26
N GLY A 266 -9.77 11.79 14.50
CA GLY A 266 -9.23 12.90 13.75
C GLY A 266 -9.38 14.18 14.53
N LYS A 267 -8.85 15.25 13.97
CA LYS A 267 -8.96 16.57 14.59
C LYS A 267 -10.37 17.10 14.37
N ASN A 268 -11.12 17.32 15.45
CA ASN A 268 -12.50 17.83 15.37
C ASN A 268 -13.35 16.97 14.45
N VAL A 269 -13.13 15.64 14.53
CA VAL A 269 -13.95 14.65 13.84
C VAL A 269 -14.54 13.73 14.91
N GLU A 270 -15.81 13.38 14.73
CA GLU A 270 -16.44 12.42 15.63
C GLU A 270 -15.68 11.09 15.65
N ASP A 271 -15.45 10.53 16.84
CA ASP A 271 -14.81 9.22 16.97
C ASP A 271 -15.60 8.14 16.23
N ASN A 272 -14.89 7.16 15.70
CA ASN A 272 -15.51 6.08 14.92
C ASN A 272 -14.67 4.82 15.13
N TRP A 273 -15.19 3.69 14.66
CA TRP A 273 -14.41 2.46 14.64
C TRP A 273 -14.93 1.54 13.55
N ARG A 274 -14.11 0.57 13.18
CA ARG A 274 -14.48 -0.36 12.13
C ARG A 274 -13.89 -1.72 12.45
N VAL A 275 -14.54 -2.76 11.93
CA VAL A 275 -14.02 -4.12 11.93
C VAL A 275 -14.18 -4.64 10.51
N ARG A 276 -13.14 -5.32 10.01
CA ARG A 276 -13.14 -5.73 8.61
C ARG A 276 -12.64 -7.17 8.51
N TRP A 277 -13.38 -7.96 7.73
CA TRP A 277 -13.11 -9.37 7.53
C TRP A 277 -12.88 -9.61 6.04
N MET A 278 -11.86 -10.39 5.72
CA MET A 278 -11.58 -10.71 4.32
C MET A 278 -11.10 -12.14 4.23
N THR A 279 -11.55 -12.85 3.18
CA THR A 279 -11.09 -14.20 2.86
C THR A 279 -10.82 -14.30 1.37
N GLY A 280 -10.02 -15.30 1.02
CA GLY A 280 -9.68 -15.51 -0.37
C GLY A 280 -9.27 -16.95 -0.60
N TYR A 281 -9.56 -17.44 -1.79
CA TYR A 281 -9.06 -18.72 -2.27
C TYR A 281 -8.44 -18.47 -3.63
N TYR A 282 -7.33 -19.13 -3.95
CA TYR A 282 -6.73 -18.93 -5.25
C TYR A 282 -6.26 -20.26 -5.82
N TYR A 283 -6.25 -20.31 -7.14
CA TYR A 283 -5.87 -21.51 -7.88
C TYR A 283 -4.85 -21.09 -8.94
N LYS A 284 -3.72 -21.79 -8.99
CA LYS A 284 -2.68 -21.48 -9.98
C LYS A 284 -2.94 -22.31 -11.22
N VAL A 285 -3.51 -21.69 -12.26
CA VAL A 285 -3.78 -22.45 -13.48
CA VAL A 285 -3.77 -22.38 -13.52
C VAL A 285 -2.48 -22.72 -14.23
N ILE A 286 -1.54 -21.79 -14.22
CA ILE A 286 -0.22 -21.99 -14.78
C ILE A 286 0.78 -21.62 -13.69
N ASN A 287 1.73 -22.50 -13.42
CA ASN A 287 2.66 -22.29 -12.31
C ASN A 287 4.05 -22.71 -12.77
N GLN A 288 4.70 -21.85 -13.53
CA GLN A 288 6.04 -22.10 -14.03
C GLN A 288 7.01 -21.09 -13.43
N ASN A 289 8.30 -21.33 -13.67
CA ASN A 289 9.32 -20.45 -13.09
C ASN A 289 9.11 -19.01 -13.54
N ASN A 290 8.77 -18.78 -14.80
CA ASN A 290 8.68 -17.43 -15.36
C ASN A 290 7.27 -17.04 -15.81
N ARG A 291 6.26 -17.84 -15.49
CA ARG A 291 4.88 -17.54 -15.89
C ARG A 291 3.96 -18.13 -14.84
N ARG A 292 3.13 -17.28 -14.24
CA ARG A 292 2.18 -17.70 -13.22
C ARG A 292 0.85 -17.06 -13.53
N VAL A 293 -0.19 -17.88 -13.67
CA VAL A 293 -1.54 -17.38 -13.93
C VAL A 293 -2.45 -17.91 -12.83
N THR A 294 -3.20 -17.02 -12.20
N THR A 294 -3.25 -17.03 -12.24
CA THR A 294 -4.05 -17.38 -11.09
CA THR A 294 -4.00 -17.33 -11.02
C THR A 294 -5.47 -16.88 -11.34
C THR A 294 -5.42 -16.76 -11.10
N ILE A 295 -6.42 -17.58 -10.74
CA ILE A 295 -7.81 -17.14 -10.65
C ILE A 295 -8.28 -17.45 -9.24
N GLY A 296 -9.10 -16.57 -8.67
CA GLY A 296 -9.50 -16.77 -7.30
C GLY A 296 -10.87 -16.23 -6.97
N LEU A 297 -11.24 -16.36 -5.70
CA LEU A 297 -12.48 -15.82 -5.15
C LEU A 297 -12.14 -15.11 -3.85
N ASN A 298 -12.57 -13.85 -3.74
CA ASN A 298 -12.32 -13.03 -2.56
C ASN A 298 -13.66 -12.56 -2.02
N ASN A 299 -13.76 -12.49 -0.70
CA ASN A 299 -14.92 -11.93 -0.02
C ASN A 299 -14.45 -10.94 1.02
N MET A 300 -15.25 -9.89 1.22
CA MET A 300 -14.99 -8.91 2.27
C MET A 300 -16.30 -8.57 2.97
N ILE A 301 -16.24 -8.34 4.27
CA ILE A 301 -17.36 -7.82 5.05
C ILE A 301 -16.78 -6.76 5.96
N TRP A 302 -17.36 -5.55 5.92
CA TRP A 302 -16.95 -4.45 6.79
C TRP A 302 -18.13 -3.95 7.59
N HIS A 303 -17.83 -3.38 8.76
CA HIS A 303 -18.80 -2.61 9.53
C HIS A 303 -18.08 -1.43 10.15
N TYR A 304 -18.55 -0.22 9.86
CA TYR A 304 -18.16 0.99 10.58
C TYR A 304 -19.28 1.40 11.53
N ASP A 305 -18.91 1.90 12.72
CA ASP A 305 -19.93 2.26 13.69
C ASP A 305 -20.81 3.39 13.19
N LYS A 306 -20.21 4.41 12.56
CA LYS A 306 -20.89 5.63 12.14
C LYS A 306 -20.55 5.93 10.69
N ASP A 307 -21.47 6.59 9.98
CA ASP A 307 -21.22 7.04 8.60
C ASP A 307 -20.68 8.47 8.68
N LEU A 308 -19.36 8.61 8.58
CA LEU A 308 -18.73 9.93 8.61
C LEU A 308 -18.16 10.30 7.24
N SER A 309 -18.80 9.79 6.18
CA SER A 309 -18.38 10.05 4.81
C SER A 309 -18.69 11.47 4.35
N GLY A 310 -19.48 12.22 5.11
CA GLY A 310 -19.79 13.58 4.73
C GLY A 310 -18.59 14.50 4.92
N TYR A 311 -18.68 15.70 4.36
CA TYR A 311 -17.59 16.66 4.45
C TYR A 311 -17.96 17.87 5.30
N SER A 312 -19.06 17.80 6.02
CA SER A 312 -19.41 18.84 6.98
C SER A 312 -18.45 18.81 8.17
N LEU A 313 -18.38 19.94 8.87
CA LEU A 313 -17.52 20.07 10.04
C LEU A 313 -17.95 19.09 11.13
N GLY A 314 -17.04 18.21 11.54
CA GLY A 314 -17.36 17.14 12.46
C GLY A 314 -17.40 15.76 11.82
N GLN A 315 -17.61 15.70 10.51
CA GLN A 315 -17.47 14.47 9.74
C GLN A 315 -16.08 14.45 9.11
N GLY A 316 -15.75 13.33 8.46
CA GLY A 316 -14.35 13.07 8.12
C GLY A 316 -14.04 12.84 6.66
N GLY A 317 -15.05 12.84 5.79
CA GLY A 317 -14.78 12.68 4.36
C GLY A 317 -14.16 11.36 3.99
N TYR A 318 -14.52 10.28 4.67
CA TYR A 318 -14.02 8.95 4.31
C TYR A 318 -15.17 7.94 4.26
N TYR A 319 -15.05 7.00 3.33
CA TYR A 319 -16.07 5.96 3.18
C TYR A 319 -16.17 5.13 4.44
N SER A 320 -17.38 4.98 4.98
CA SER A 320 -17.57 4.35 6.28
C SER A 320 -18.97 3.74 6.37
N PRO A 321 -19.22 2.69 5.60
CA PRO A 321 -20.55 2.09 5.59
C PRO A 321 -20.83 1.22 6.82
N GLN A 322 -22.11 1.16 7.20
CA GLN A 322 -22.50 0.32 8.33
C GLN A 322 -22.58 -1.14 7.93
N GLU A 323 -22.91 -1.42 6.67
CA GLU A 323 -22.82 -2.76 6.10
C GLU A 323 -22.05 -2.65 4.81
N TYR A 324 -21.11 -3.56 4.62
CA TYR A 324 -20.39 -3.64 3.34
C TYR A 324 -20.12 -5.11 3.05
N LEU A 325 -20.45 -5.52 1.85
CA LEU A 325 -20.26 -6.92 1.44
C LEU A 325 -19.70 -6.89 0.03
N SER A 326 -18.62 -7.60 -0.20
CA SER A 326 -18.12 -7.69 -1.58
C SER A 326 -17.68 -9.12 -1.89
N PHE A 327 -17.97 -9.54 -3.11
CA PHE A 327 -17.58 -10.87 -3.61
C PHE A 327 -16.86 -10.60 -4.93
N ALA A 328 -15.66 -11.11 -5.10
CA ALA A 328 -14.89 -10.76 -6.29
C ALA A 328 -14.19 -11.98 -6.87
N ILE A 329 -13.93 -11.91 -8.18
CA ILE A 329 -13.22 -12.98 -8.89
C ILE A 329 -11.97 -12.39 -9.54
N PRO A 330 -10.84 -12.37 -8.83
CA PRO A 330 -9.62 -11.81 -9.41
C PRO A 330 -8.90 -12.81 -10.31
N VAL A 331 -8.40 -12.30 -11.44
CA VAL A 331 -7.54 -13.07 -12.34
C VAL A 331 -6.23 -12.29 -12.49
N MET A 332 -5.14 -13.01 -12.70
CA MET A 332 -3.82 -12.38 -12.71
C MET A 332 -2.89 -13.19 -13.59
N TRP A 333 -2.08 -12.49 -14.39
CA TRP A 333 -1.06 -13.09 -15.24
C TRP A 333 0.26 -12.38 -14.93
N ARG A 334 1.24 -13.12 -14.44
CA ARG A 334 2.57 -12.62 -14.14
C ARG A 334 3.58 -13.35 -15.01
N GLU A 335 4.50 -12.61 -15.61
CA GLU A 335 5.46 -13.21 -16.52
C GLU A 335 6.74 -12.40 -16.51
N ARG A 336 7.88 -13.09 -16.66
CA ARG A 336 9.15 -12.42 -16.81
C ARG A 336 9.95 -13.09 -17.91
N THR A 337 10.75 -12.28 -18.57
CA THR A 337 11.74 -12.72 -19.54
C THR A 337 13.10 -12.23 -19.06
N GLU A 338 14.09 -12.30 -19.95
CA GLU A 338 15.45 -11.92 -19.56
C GLU A 338 15.48 -10.53 -18.93
N ASN A 339 14.81 -9.54 -19.55
CA ASN A 339 14.93 -8.17 -19.06
C ASN A 339 13.60 -7.45 -18.86
N TRP A 340 12.47 -8.16 -18.84
CA TRP A 340 11.18 -7.56 -18.58
C TRP A 340 10.43 -8.43 -17.59
N SER A 341 9.57 -7.79 -16.81
CA SER A 341 8.66 -8.52 -15.93
C SER A 341 7.36 -7.73 -15.91
N TRP A 342 6.23 -8.44 -15.99
CA TRP A 342 4.97 -7.69 -16.01
C TRP A 342 3.88 -8.47 -15.29
N GLU A 343 2.84 -7.74 -14.93
CA GLU A 343 1.64 -8.33 -14.35
C GLU A 343 0.44 -7.66 -14.99
N LEU A 344 -0.53 -8.47 -15.37
CA LEU A 344 -1.80 -7.96 -15.86
C LEU A 344 -2.90 -8.64 -15.05
N GLY A 345 -3.84 -7.85 -14.53
CA GLY A 345 -4.86 -8.43 -13.70
C GLY A 345 -6.16 -7.67 -13.80
N ALA A 346 -7.24 -8.36 -13.46
CA ALA A 346 -8.53 -7.70 -13.32
C ALA A 346 -9.34 -8.46 -12.29
N SER A 347 -10.43 -7.84 -11.83
N SER A 347 -10.34 -7.78 -11.75
CA SER A 347 -11.27 -8.49 -10.81
CA SER A 347 -11.30 -8.41 -10.88
C SER A 347 -12.67 -7.92 -10.86
C SER A 347 -12.65 -7.86 -11.29
N GLY A 348 -13.64 -8.74 -11.30
CA GLY A 348 -15.03 -8.34 -11.31
C GLY A 348 -15.61 -8.63 -9.95
N SER A 349 -16.52 -7.77 -9.50
CA SER A 349 -17.05 -7.89 -8.16
C SER A 349 -18.50 -7.44 -8.11
N TRP A 350 -19.18 -7.94 -7.10
CA TRP A 350 -20.52 -7.49 -6.70
C TRP A 350 -20.42 -7.00 -5.27
N SER A 351 -21.09 -5.89 -4.94
CA SER A 351 -21.00 -5.38 -3.59
C SER A 351 -22.33 -4.81 -3.14
N HIS A 352 -22.51 -4.78 -1.83
CA HIS A 352 -23.67 -4.18 -1.19
C HIS A 352 -23.15 -3.19 -0.15
N SER A 353 -23.80 -2.03 -0.06
CA SER A 353 -23.41 -1.04 0.93
CA SER A 353 -23.40 -1.01 0.91
C SER A 353 -24.66 -0.45 1.57
N ARG A 354 -24.58 -0.18 2.87
CA ARG A 354 -25.68 0.46 3.58
C ARG A 354 -25.11 1.44 4.59
N THR A 355 -25.70 2.62 4.65
CA THR A 355 -25.31 3.65 5.60
C THR A 355 -26.53 4.09 6.39
N LYS A 356 -26.31 4.41 7.65
CA LYS A 356 -27.40 4.86 8.50
C LYS A 356 -27.54 6.38 8.38
N THR A 357 -28.72 6.87 8.76
CA THR A 357 -28.93 8.30 8.88
C THR A 357 -28.08 8.85 10.01
N MET A 358 -27.40 9.97 9.76
CA MET A 358 -26.52 10.61 10.75
C MET A 358 -26.83 12.09 10.88
N PRO A 359 -26.60 12.64 12.08
CA PRO A 359 -26.57 14.09 12.22
C PRO A 359 -25.49 14.65 11.31
N ARG A 360 -25.81 15.73 10.61
CA ARG A 360 -24.82 16.36 9.74
C ARG A 360 -23.68 16.95 10.56
N TYR A 361 -23.97 17.41 11.77
CA TYR A 361 -23.01 18.07 12.65
C TYR A 361 -22.95 17.27 13.94
N PRO A 362 -22.17 16.19 13.97
CA PRO A 362 -22.18 15.30 15.15
C PRO A 362 -21.48 15.86 16.36
N LEU A 363 -20.65 16.90 16.22
CA LEU A 363 -19.95 17.52 17.34
C LEU A 363 -20.52 18.93 17.48
N MET A 364 -21.54 19.08 18.33
CA MET A 364 -22.27 20.34 18.42
CA MET A 364 -22.25 20.35 18.37
C MET A 364 -21.41 21.48 18.94
N ASN A 365 -20.38 21.18 19.72
CA ASN A 365 -19.59 22.26 20.31
C ASN A 365 -18.66 22.91 19.30
N LEU A 366 -18.55 22.38 18.08
CA LEU A 366 -17.87 23.07 16.99
C LEU A 366 -18.78 24.10 16.32
N ILE A 367 -20.04 24.17 16.71
CA ILE A 367 -21.06 24.95 16.01
C ILE A 367 -21.42 26.14 16.89
N PRO A 368 -21.45 27.35 16.35
CA PRO A 368 -21.90 28.51 17.14
C PRO A 368 -23.28 28.25 17.72
N THR A 369 -23.49 28.73 18.96
CA THR A 369 -24.75 28.43 19.64
C THR A 369 -25.95 28.96 18.87
N ASP A 370 -25.80 30.09 18.17
CA ASP A 370 -26.91 30.63 17.38
C ASP A 370 -27.14 29.87 16.08
N TRP A 371 -26.33 28.85 15.78
CA TRP A 371 -26.59 27.96 14.65
C TRP A 371 -26.98 26.55 15.09
N GLN A 372 -26.95 26.24 16.38
CA GLN A 372 -27.03 24.85 16.80
C GLN A 372 -28.43 24.29 16.62
N GLU A 373 -29.47 25.11 16.76
CA GLU A 373 -30.83 24.62 16.55
C GLU A 373 -31.04 24.20 15.11
N GLU A 374 -30.55 24.97 14.16
CA GLU A 374 -30.67 24.60 12.75
C GLU A 374 -29.77 23.41 12.42
N ALA A 375 -28.55 23.38 13.00
CA ALA A 375 -27.67 22.24 12.77
C ALA A 375 -28.30 20.94 13.25
N ALA A 376 -28.98 20.98 14.39
CA ALA A 376 -29.54 19.75 14.98
C ALA A 376 -30.66 19.17 14.15
N ARG A 377 -31.34 19.96 13.32
CA ARG A 377 -32.38 19.44 12.45
C ARG A 377 -31.85 19.07 11.07
N GLN A 378 -30.54 19.14 10.86
CA GLN A 378 -29.94 18.72 9.60
C GLN A 378 -29.33 17.35 9.77
N SER A 379 -29.68 16.43 8.88
CA SER A 379 -29.14 15.08 8.91
C SER A 379 -28.71 14.68 7.51
N ASN A 380 -27.76 13.75 7.44
CA ASN A 380 -27.42 13.08 6.20
C ASN A 380 -28.24 11.78 6.14
N ASP A 381 -29.15 11.69 5.16
CA ASP A 381 -30.05 10.54 5.05
C ASP A 381 -29.26 9.25 4.85
N GLY A 382 -29.72 8.17 5.49
CA GLY A 382 -29.13 6.87 5.22
C GLY A 382 -29.45 6.40 3.81
N GLY A 383 -28.72 5.39 3.35
CA GLY A 383 -28.98 4.86 2.02
C GLY A 383 -28.46 3.44 1.91
N SER A 384 -28.72 2.84 0.75
CA SER A 384 -28.15 1.53 0.47
C SER A 384 -28.15 1.30 -1.02
N SER A 385 -27.21 0.49 -1.50
CA SER A 385 -27.21 0.15 -2.92
C SER A 385 -26.33 -1.07 -3.13
N GLN A 386 -26.56 -1.71 -4.28
CA GLN A 386 -25.81 -2.90 -4.70
C GLN A 386 -25.47 -2.76 -6.17
N GLY A 387 -24.41 -3.45 -6.60
CA GLY A 387 -24.08 -3.41 -8.00
C GLY A 387 -22.76 -4.10 -8.29
N PHE A 388 -22.46 -4.19 -9.58
CA PHE A 388 -21.23 -4.77 -10.07
C PHE A 388 -20.18 -3.70 -10.33
N GLY A 389 -18.92 -4.07 -10.18
CA GLY A 389 -17.83 -3.16 -10.41
C GLY A 389 -16.61 -3.97 -10.81
N TYR A 390 -15.50 -3.30 -11.00
CA TYR A 390 -14.30 -4.03 -11.36
C TYR A 390 -13.07 -3.23 -10.96
N THR A 391 -11.94 -3.93 -10.91
CA THR A 391 -10.64 -3.29 -10.87
C THR A 391 -9.78 -3.90 -11.98
N ALA A 392 -8.74 -3.18 -12.37
CA ALA A 392 -7.78 -3.70 -13.34
C ALA A 392 -6.43 -3.10 -13.02
N ARG A 393 -5.37 -3.80 -13.38
CA ARG A 393 -4.04 -3.33 -13.03
C ARG A 393 -3.04 -3.86 -14.03
N ALA A 394 -2.05 -3.04 -14.36
CA ALA A 394 -0.96 -3.46 -15.22
C ALA A 394 0.32 -2.92 -14.61
N LEU A 395 1.32 -3.79 -14.49
CA LEU A 395 2.62 -3.43 -13.97
C LEU A 395 3.66 -3.89 -14.97
N LEU A 396 4.64 -3.04 -15.25
CA LEU A 396 5.67 -3.36 -16.24
C LEU A 396 6.99 -2.84 -15.71
N GLU A 397 8.03 -3.68 -15.73
CA GLU A 397 9.36 -3.26 -15.30
C GLU A 397 10.38 -3.82 -16.28
N ARG A 398 11.39 -3.03 -16.59
CA ARG A 398 12.45 -3.54 -17.45
C ARG A 398 13.81 -3.22 -16.86
N ARG A 399 14.74 -4.13 -17.08
CA ARG A 399 16.14 -3.91 -16.75
C ARG A 399 16.79 -3.14 -17.91
N VAL A 400 17.26 -1.93 -17.63
CA VAL A 400 17.98 -1.18 -18.65
C VAL A 400 19.44 -1.62 -18.71
N THR A 401 20.09 -1.61 -17.55
CA THR A 401 21.43 -2.18 -17.38
C THR A 401 21.45 -2.92 -16.04
N SER A 402 22.62 -3.46 -15.71
CA SER A 402 22.78 -4.10 -14.41
C SER A 402 22.35 -3.17 -13.28
N ASN A 403 22.55 -1.86 -13.44
CA ASN A 403 22.32 -0.91 -12.36
C ASN A 403 21.00 -0.17 -12.46
N TRP A 404 20.34 -0.16 -13.61
CA TRP A 404 19.16 0.69 -13.82
C TRP A 404 17.94 -0.14 -14.19
N PHE A 405 16.84 0.07 -13.45
CA PHE A 405 15.55 -0.55 -13.69
C PHE A 405 14.49 0.53 -13.77
N VAL A 406 13.52 0.37 -14.66
CA VAL A 406 12.48 1.39 -14.77
C VAL A 406 11.15 0.66 -14.86
N GLY A 407 10.12 1.26 -14.28
CA GLY A 407 8.84 0.59 -14.30
C GLY A 407 7.68 1.56 -14.34
N THR A 408 6.51 1.00 -14.64
N THR A 408 6.53 1.00 -14.69
CA THR A 408 5.27 1.76 -14.72
CA THR A 408 5.28 1.72 -14.68
C THR A 408 4.12 0.86 -14.26
C THR A 408 4.24 0.84 -14.00
N ALA A 409 3.13 1.46 -13.59
CA ALA A 409 1.99 0.72 -13.11
C ALA A 409 0.74 1.57 -13.25
N ILE A 410 -0.36 0.92 -13.59
CA ILE A 410 -1.67 1.56 -13.63
C ILE A 410 -2.60 0.73 -12.77
N ASP A 411 -3.34 1.39 -11.88
CA ASP A 411 -4.26 0.72 -10.96
C ASP A 411 -5.62 1.37 -11.16
N ILE A 412 -6.52 0.66 -11.85
CA ILE A 412 -7.83 1.18 -12.20
C ILE A 412 -8.82 0.68 -11.15
N GLN A 413 -9.38 1.61 -10.39
CA GLN A 413 -10.29 1.30 -9.29
C GLN A 413 -11.70 1.72 -9.67
N GLN A 414 -12.55 0.75 -10.02
CA GLN A 414 -13.91 1.02 -10.44
C GLN A 414 -14.88 0.09 -9.73
N ALA A 415 -14.58 -0.24 -8.47
CA ALA A 415 -15.36 -1.21 -7.70
C ALA A 415 -16.32 -0.57 -6.71
N LYS A 416 -16.62 0.71 -6.86
CA LYS A 416 -17.69 1.37 -6.10
C LYS A 416 -17.40 1.49 -4.59
N ASP A 417 -16.14 1.36 -4.16
CA ASP A 417 -15.76 1.56 -2.77
C ASP A 417 -15.03 2.89 -2.56
N TYR A 418 -15.14 3.82 -3.52
CA TYR A 418 -14.56 5.16 -3.42
C TYR A 418 -13.04 5.15 -3.34
N ALA A 419 -12.38 4.08 -3.82
CA ALA A 419 -10.93 4.15 -3.80
C ALA A 419 -10.42 4.93 -5.00
N PRO A 420 -9.33 5.68 -4.85
CA PRO A 420 -8.75 6.38 -6.00
C PRO A 420 -8.01 5.42 -6.92
N SER A 421 -7.87 5.85 -8.17
CA SER A 421 -7.02 5.15 -9.13
C SER A 421 -5.63 5.77 -9.11
N HIS A 422 -4.64 4.98 -9.58
CA HIS A 422 -3.24 5.38 -9.55
C HIS A 422 -2.55 5.10 -10.88
N PHE A 423 -1.61 5.98 -11.20
CA PHE A 423 -0.73 5.81 -12.37
C PHE A 423 0.68 6.15 -11.90
N LEU A 424 1.61 5.22 -11.99
CA LEU A 424 2.94 5.60 -11.49
C LEU A 424 4.08 5.14 -12.40
N LEU A 425 5.19 5.82 -12.21
CA LEU A 425 6.46 5.61 -12.94
C LEU A 425 7.60 5.65 -11.93
N TYR A 426 8.54 4.73 -12.08
CA TYR A 426 9.68 4.78 -11.17
C TYR A 426 10.96 4.35 -11.86
N VAL A 427 12.05 4.77 -11.27
CA VAL A 427 13.38 4.33 -11.67
C VAL A 427 14.07 3.83 -10.40
N ARG A 428 14.74 2.68 -10.50
CA ARG A 428 15.41 2.08 -9.37
CA ARG A 428 15.42 2.09 -9.36
C ARG A 428 16.87 1.82 -9.74
N TYR A 429 17.78 2.27 -8.89
CA TYR A 429 19.21 2.09 -9.06
C TYR A 429 19.70 1.00 -8.12
N SER A 430 20.42 0.03 -8.67
CA SER A 430 21.12 -0.99 -7.90
C SER A 430 22.60 -0.65 -7.86
N ALA A 431 23.15 -0.46 -6.66
CA ALA A 431 24.54 -0.04 -6.56
C ALA A 431 25.49 -1.15 -7.02
N ALA A 432 25.25 -2.38 -6.57
CA ALA A 432 26.13 -3.48 -6.97
C ALA A 432 25.82 -4.02 -8.37
N GLY A 433 24.64 -3.78 -8.90
CA GLY A 433 24.20 -4.33 -10.18
C GLY A 433 23.52 -5.67 -10.00
N TRP A 434 22.57 -5.97 -10.89
CA TRP A 434 21.84 -7.22 -10.78
C TRP A 434 21.60 -7.80 -12.16
N GLN A 435 22.11 -9.00 -12.40
CA GLN A 435 21.84 -9.70 -13.65
C GLN A 435 21.12 -11.03 -13.41
N GLY A 436 20.52 -11.21 -12.24
CA GLY A 436 19.71 -12.38 -11.96
C GLY A 436 18.29 -12.23 -12.48
N ASP A 437 17.41 -13.12 -12.00
CA ASP A 437 16.00 -13.09 -12.40
C ASP A 437 15.35 -11.75 -12.06
N MET A 438 14.46 -11.28 -12.93
CA MET A 438 13.67 -10.10 -12.61
C MET A 438 12.69 -10.45 -11.49
N ASP A 439 12.33 -9.42 -10.70
CA ASP A 439 11.26 -9.54 -9.70
C ASP A 439 9.95 -9.94 -10.36
N LEU A 440 9.28 -10.92 -9.76
CA LEU A 440 7.99 -11.41 -10.26
C LEU A 440 7.02 -11.45 -9.09
N PRO A 441 6.04 -10.53 -9.01
CA PRO A 441 5.76 -9.40 -9.91
C PRO A 441 6.73 -8.26 -9.69
N PRO A 442 6.72 -7.24 -10.56
CA PRO A 442 7.43 -5.99 -10.21
C PRO A 442 6.92 -5.46 -8.87
N GLN A 443 7.79 -4.70 -8.21
CA GLN A 443 7.52 -4.17 -6.85
C GLN A 443 7.71 -2.67 -6.84
N PRO A 444 6.74 -1.90 -7.33
CA PRO A 444 6.83 -0.45 -7.21
C PRO A 444 6.75 -0.04 -5.75
N LEU A 445 7.19 1.20 -5.47
CA LEU A 445 6.96 1.76 -4.14
C LEU A 445 5.48 2.01 -3.92
N ILE A 446 5.02 1.77 -2.70
CA ILE A 446 3.66 2.11 -2.28
C ILE A 446 3.71 3.43 -1.53
N PRO A 447 2.86 4.41 -1.87
CA PRO A 447 2.80 5.65 -1.08
C PRO A 447 2.69 5.33 0.42
N TYR A 448 3.48 6.05 1.21
CA TYR A 448 3.56 5.74 2.64
C TYR A 448 2.20 5.83 3.32
N ALA A 449 1.36 6.74 2.86
CA ALA A 449 0.03 6.90 3.46
C ALA A 449 -0.81 5.64 3.33
N ASP A 450 -0.52 4.80 2.35
CA ASP A 450 -1.35 3.63 2.06
C ASP A 450 -0.73 2.33 2.58
N TRP A 451 0.21 2.40 3.52
CA TRP A 451 0.80 1.17 4.06
C TRP A 451 -0.15 0.48 5.04
C1B LMT B . -30.18 0.97 15.43
C2B LMT B . -30.11 2.06 16.49
C3B LMT B . -30.21 1.50 17.86
C4B LMT B . -31.41 0.62 18.03
C5B LMT B . -31.48 -0.46 16.95
C6B LMT B . -32.80 -1.19 17.08
O1B LMT B . -29.05 0.19 15.53
O2B LMT B . -28.86 2.76 16.36
O3B LMT B . -30.29 2.59 18.81
O4' LMT B . -31.34 -0.02 19.31
O5B LMT B . -31.39 0.10 15.58
O6B LMT B . -33.84 -0.26 17.04
C1' LMT B . -26.66 -1.56 12.55
C2' LMT B . -27.07 -0.10 12.37
C3' LMT B . -27.61 0.49 13.62
C4' LMT B . -28.71 -0.35 14.21
C5' LMT B . -28.30 -1.81 14.37
C6' LMT B . -29.50 -2.60 14.78
O1' LMT B . -26.29 -2.07 11.34
O2' LMT B . -25.92 0.66 11.96
O3' LMT B . -28.14 1.80 13.32
O5' LMT B . -27.77 -2.39 13.12
O6' LMT B . -29.21 -3.97 14.69
C1 LMT B . -25.00 -2.63 11.33
C2 LMT B . -24.89 -3.66 10.19
C3 LMT B . -24.06 -4.87 10.66
C4 LMT B . -23.23 -5.41 9.47
C5 LMT B . -22.23 -6.47 9.98
C6 LMT B . -22.70 -7.90 9.55
C7 LMT B . -21.69 -8.96 10.04
C8 LMT B . -22.42 -10.04 10.87
C9 LMT B . -21.40 -11.14 11.28
C10 LMT B . -21.91 -11.85 12.55
C11 LMT B . -21.67 -10.94 13.78
C12 LMT B . -21.03 -11.76 14.91
O1 HEZ C . -5.82 5.82 -13.99
C1 HEZ C . -5.52 7.18 -13.90
C2 HEZ C . -5.10 7.52 -12.47
C3 HEZ C . -4.89 9.02 -12.30
C4 HEZ C . -6.15 9.78 -12.65
C5 HEZ C . -6.40 10.91 -11.65
C6 HEZ C . -7.85 10.81 -11.17
O6 HEZ C . -8.69 11.59 -11.97
C48 PE5 D . 3.49 5.36 20.54
C50 PE5 D . 4.24 5.25 19.21
O1 PE5 D . 3.46 5.82 18.19
C1 PE5 D . 3.94 5.55 16.90
C2 PE5 D . 2.82 4.93 16.07
O2 PE5 D . 3.06 3.58 15.89
C3 PE5 D . 1.96 2.85 15.44
C4 PE5 D . 1.66 1.72 16.42
O3 PE5 D . 0.39 1.92 16.98
C5 PE5 D . -0.35 0.74 17.14
C6 PE5 D . -1.83 1.08 17.17
O4 PE5 D . -2.48 0.26 18.11
C7 PE5 D . -3.67 0.80 18.62
C8 PE5 D . -4.45 -0.29 19.36
O5 PE5 D . -5.75 0.16 19.62
C9 PE5 D . -6.65 -0.86 19.92
C10 PE5 D . -8.05 -0.46 19.48
O6 PE5 D . -8.73 -1.59 19.02
C11 PE5 D . -9.62 -1.33 17.97
C12 PE5 D . -10.45 -2.58 17.68
O7 PE5 D . -11.74 -2.20 17.28
C13 PE5 D . -12.65 -2.12 18.34
C14 PE5 D . -14.04 -1.80 17.79
O8 PE5 D . -14.81 -1.21 18.79
C15 PE5 D . -14.14 -0.23 19.52
C16 PE5 D . -15.14 0.57 20.35
O52 PE5 D . -14.45 1.44 21.20
C1 C8E E . 9.28 4.64 -17.07
C2 C8E E . 10.01 5.97 -16.92
C3 C8E E . 10.35 6.20 -15.44
C4 C8E E . 10.53 7.69 -15.20
C5 C8E E . 11.12 7.90 -13.80
C6 C8E E . 10.05 8.50 -12.88
C7 C8E E . 10.70 9.42 -11.85
C8 C8E E . 9.62 10.23 -11.15
O9 C8E E . 9.98 11.59 -11.17
C10 C8E E . 9.15 12.41 -10.39
C11 C8E E . 9.16 13.83 -10.96
O12 C8E E . 7.90 14.13 -11.48
C13 C8E E . 7.47 15.43 -11.20
C14 C8E E . 6.20 15.73 -12.00
O15 C8E E . 5.57 16.86 -11.46
C16 C8E E . 4.17 16.77 -11.43
C17 C8E E . 3.57 18.15 -11.24
O18 C8E E . 3.19 18.32 -9.90
C19 C8E E . 1.85 18.66 -9.73
C20 C8E E . 1.74 20.16 -9.42
O21 C8E E . 0.43 20.59 -9.66
P 3PE F . -21.41 -4.36 -14.91
N 3PE F . -22.78 -9.15 -14.64
O11 3PE F . -19.85 -4.83 -15.10
O12 3PE F . -21.94 -3.87 -16.23
O13 3PE F . -22.32 -5.64 -14.40
O14 3PE F . -21.49 -3.26 -13.90
C11 3PE F . -22.18 -6.86 -15.07
C12 3PE F . -23.28 -7.81 -14.63
C1 3PE F . -19.14 -5.27 -13.97
C2 3PE F . -18.41 -6.56 -14.28
C3 3PE F . -16.97 -6.24 -14.76
O31 3PE F . -16.46 -7.34 -15.49
O32 3PE F . -14.31 -6.64 -15.73
C31 3PE F . -15.04 -7.51 -15.38
C32 3PE F . -14.45 -8.82 -14.80
C33 3PE F . -13.08 -9.10 -15.43
C34 3PE F . -12.78 -10.59 -15.36
C35 3PE F . -12.67 -11.16 -16.77
C36 3PE F . -11.30 -10.81 -17.35
C37 3PE F . -11.01 -11.72 -18.54
C38 3PE F . -9.51 -12.04 -18.59
C39 3PE F . -9.22 -12.89 -19.84
C3A 3PE F . -8.12 -13.93 -19.51
C3B 3PE F . -8.62 -14.86 -18.37
C3C 3PE F . -7.41 -15.62 -17.75
C3D 3PE F . -7.92 -16.58 -16.64
C3E 3PE F . -7.70 -18.03 -17.08
C3F 3PE F . -8.72 -18.94 -16.39
C3G 3PE F . -8.65 -20.33 -16.97
C3H 3PE F . -9.28 -21.32 -16.02
C3I 3PE F . -8.70 -22.70 -16.26
O21 3PE F . -18.36 -7.35 -13.12
O22 3PE F . -17.75 -9.19 -14.29
C21 3PE F . -18.37 -8.75 -13.38
C22 3PE F . -19.21 -9.69 -12.49
C23 3PE F . -18.26 -10.56 -11.62
C24 3PE F . -19.10 -11.51 -10.72
C25 3PE F . -18.50 -11.52 -9.28
C26 3PE F . -19.29 -12.55 -8.39
C27 3PE F . -18.44 -12.93 -7.13
C28 3PE F . -18.79 -14.37 -6.67
C29 3PE F . -17.77 -14.85 -5.58
C2A 3PE F . -18.26 -16.17 -4.93
C2B 3PE F . -18.25 -16.03 -3.39
C2C 3PE F . -18.77 -17.34 -2.74
C2D 3PE F . -18.00 -17.61 -1.45
C2E 3PE F . -18.99 -18.05 -0.34
C2F 3PE F . -18.83 -17.14 0.88
C2G 3PE F . -19.57 -17.75 2.07
C2H 3PE F . -20.05 -16.63 3.01
C2I 3PE F . -18.85 -15.82 3.47
CA CA G . -0.26 24.01 3.76
#